data_3ICI
#
_entry.id   3ICI
#
_cell.length_a   43.411
_cell.length_b   44.295
_cell.length_c   55.427
_cell.angle_alpha   89.94
_cell.angle_beta   94.46
_cell.angle_gamma   114.03
#
_symmetry.space_group_name_H-M   'P 1'
#
loop_
_entity.id
_entity.type
_entity.pdbx_description
1 polymer 'Peptidyl-prolyl cis-trans isomerase B'
2 polymer Calnexin
3 non-polymer 'ZINC ION'
4 non-polymer '2-(N-MORPHOLINO)-ETHANESULFONIC ACID'
5 water water
#
loop_
_entity_poly.entity_id
_entity_poly.type
_entity_poly.pdbx_seq_one_letter_code
_entity_poly.pdbx_strand_id
1 'polypeptide(L)'
;GPLGSDEKKKGPKVTVKVYFDLRIGDEDVGRVIFGLFGKTVPKTVDNFVALATGEKGFGYKNSKFHRVIKDFMIQGGDFT
RGDGTGGKSIYGERFPDENFKLKHYGPGWVSMANAGKDTNGSQFFITTVKTAWLDGKHVVFGKVLEGMEVVRKVESTKTD
SRDKPLKDVIIADCGKIEVEKPFAIAKE
;
A,B
2 'polypeptide(L)' GSHMDEPKFIPDPNAEKPDDWNEDMDGEWEAPRISNPA C
#
# COMPACT_ATOMS: atom_id res chain seq x y z
N GLY A 1 45.28 13.26 2.87
CA GLY A 1 44.22 14.08 2.25
C GLY A 1 44.69 15.20 1.33
N PRO A 2 45.91 15.09 0.77
CA PRO A 2 46.30 16.10 -0.25
C PRO A 2 45.25 16.24 -1.37
N LEU A 3 44.96 17.48 -1.76
CA LEU A 3 43.83 17.78 -2.65
C LEU A 3 43.99 17.36 -4.11
N GLY A 4 45.22 17.41 -4.61
CA GLY A 4 45.52 16.94 -5.96
C GLY A 4 45.14 15.48 -6.09
N SER A 5 45.67 14.67 -5.17
CA SER A 5 45.32 13.26 -5.09
C SER A 5 43.82 13.05 -4.92
N ASP A 6 43.24 13.68 -3.90
CA ASP A 6 41.78 13.60 -3.65
C ASP A 6 40.96 13.84 -4.94
N GLU A 7 41.25 14.94 -5.65
CA GLU A 7 40.55 15.32 -6.90
C GLU A 7 40.60 14.22 -7.97
N LYS A 8 41.75 13.55 -8.05
CA LYS A 8 41.89 12.39 -8.91
C LYS A 8 41.16 11.17 -8.32
N LYS A 10 37.46 10.50 -6.12
CA LYS A 10 36.38 11.28 -6.73
C LYS A 10 35.57 10.42 -7.70
N GLY A 11 34.26 10.36 -7.44
CA GLY A 11 33.38 9.52 -8.22
C GLY A 11 32.50 10.22 -9.23
N PRO A 12 31.36 9.57 -9.58
CA PRO A 12 30.47 10.03 -10.64
C PRO A 12 29.74 11.31 -10.23
N LYS A 13 29.22 12.03 -11.23
CA LYS A 13 28.52 13.26 -10.98
CA LYS A 13 28.50 13.27 -11.02
C LYS A 13 27.03 13.01 -10.84
N VAL A 14 26.47 13.60 -9.78
CA VAL A 14 25.04 13.61 -9.57
C VAL A 14 24.41 14.62 -10.51
N THR A 15 23.44 14.17 -11.29
CA THR A 15 22.82 15.01 -12.35
C THR A 15 21.34 15.32 -12.10
N VAL A 16 20.76 14.62 -11.11
CA VAL A 16 19.36 14.79 -10.76
C VAL A 16 19.19 14.08 -9.41
N LYS A 17 18.16 14.48 -8.68
CA LYS A 17 17.83 13.88 -7.37
C LYS A 17 16.40 13.37 -7.39
N VAL A 18 16.16 12.37 -6.53
CA VAL A 18 14.83 11.86 -6.27
C VAL A 18 14.63 11.84 -4.76
N TYR A 19 13.43 12.19 -4.34
CA TYR A 19 13.03 11.99 -2.93
C TYR A 19 11.99 10.90 -2.76
N PHE A 20 12.10 10.17 -1.64
CA PHE A 20 11.02 9.31 -1.15
C PHE A 20 10.64 9.80 0.23
N ASP A 21 9.35 10.03 0.47
CA ASP A 21 8.83 10.17 1.85
C ASP A 21 8.28 8.81 2.28
N LEU A 22 8.81 8.27 3.39
CA LEU A 22 8.55 6.90 3.77
C LEU A 22 7.65 6.82 5.01
N ARG A 23 6.88 5.73 5.08
CA ARG A 23 6.02 5.44 6.24
C ARG A 23 6.25 4.03 6.70
N ILE A 24 6.27 3.82 8.01
CA ILE A 24 6.31 2.46 8.54
C ILE A 24 5.07 2.30 9.39
N GLY A 25 4.19 1.41 8.95
CA GLY A 25 2.83 1.31 9.52
C GLY A 25 2.16 2.64 9.28
N ASP A 26 1.55 3.21 10.31
CA ASP A 26 0.87 4.49 10.15
C ASP A 26 1.75 5.67 10.56
N GLU A 27 3.04 5.43 10.68
CA GLU A 27 3.98 6.46 11.14
C GLU A 27 4.86 7.01 10.01
N ASP A 28 4.87 8.32 9.84
CA ASP A 28 5.83 8.97 8.93
C ASP A 28 7.22 8.84 9.52
N VAL A 29 8.19 8.38 8.73
CA VAL A 29 9.55 8.23 9.27
C VAL A 29 10.60 9.16 8.64
N GLY A 30 10.21 9.87 7.58
CA GLY A 30 11.11 10.86 7.01
C GLY A 30 11.37 10.70 5.52
N ARG A 31 12.23 11.58 5.02
CA ARG A 31 12.56 11.69 3.61
C ARG A 31 13.96 11.16 3.35
N VAL A 32 14.08 10.42 2.24
CA VAL A 32 15.38 9.97 1.74
C VAL A 32 15.56 10.67 0.39
N ILE A 33 16.77 11.16 0.13
CA ILE A 33 17.07 11.85 -1.12
C ILE A 33 18.24 11.14 -1.76
N PHE A 34 18.04 10.74 -3.04
CA PHE A 34 19.07 10.03 -3.80
C PHE A 34 19.60 10.98 -4.81
N GLY A 35 20.89 10.86 -5.06
CA GLY A 35 21.56 11.56 -6.17
C GLY A 35 21.81 10.49 -7.19
N LEU A 36 21.42 10.77 -8.45
CA LEU A 36 21.49 9.77 -9.51
CA LEU A 36 21.48 9.78 -9.52
C LEU A 36 22.51 10.17 -10.55
N PHE A 37 23.16 9.16 -11.12
CA PHE A 37 24.32 9.38 -12.03
C PHE A 37 23.91 9.30 -13.48
N GLY A 38 23.23 10.36 -13.92
CA GLY A 38 22.55 10.36 -15.21
C GLY A 38 23.44 10.53 -16.41
N LYS A 39 24.69 10.90 -16.20
CA LYS A 39 25.66 10.86 -17.32
C LYS A 39 26.39 9.51 -17.41
N THR A 40 26.37 8.74 -16.34
CA THR A 40 27.08 7.47 -16.28
C THR A 40 26.19 6.30 -16.72
N VAL A 41 24.95 6.33 -16.22
CA VAL A 41 23.95 5.31 -16.61
C VAL A 41 22.64 6.02 -16.96
N PRO A 42 22.63 6.74 -18.08
CA PRO A 42 21.47 7.56 -18.40
C PRO A 42 20.14 6.78 -18.51
N LYS A 43 20.16 5.58 -19.10
CA LYS A 43 18.92 4.89 -19.38
C LYS A 43 18.34 4.40 -18.07
N THR A 44 19.24 3.97 -17.20
CA THR A 44 18.84 3.40 -15.91
C THR A 44 18.30 4.49 -15.01
N VAL A 45 19.00 5.63 -15.03
CA VAL A 45 18.57 6.79 -14.24
C VAL A 45 17.23 7.31 -14.77
N ASP A 46 17.09 7.45 -16.10
CA ASP A 46 15.80 7.91 -16.67
C ASP A 46 14.61 7.05 -16.24
N ASN A 47 14.81 5.73 -16.20
CA ASN A 47 13.79 4.79 -15.75
C ASN A 47 13.43 5.06 -14.26
N PHE A 48 14.44 5.08 -13.39
CA PHE A 48 14.17 5.35 -11.95
C PHE A 48 13.43 6.68 -11.70
N VAL A 49 13.91 7.74 -12.34
CA VAL A 49 13.36 9.08 -12.16
C VAL A 49 11.92 9.14 -12.67
N ALA A 50 11.68 8.52 -13.83
CA ALA A 50 10.31 8.50 -14.42
C ALA A 50 9.36 7.77 -13.46
N LEU A 51 9.84 6.70 -12.87
CA LEU A 51 8.98 5.94 -11.94
C LEU A 51 8.74 6.67 -10.65
N ALA A 52 9.73 7.46 -10.22
CA ALA A 52 9.54 8.34 -9.07
C ALA A 52 8.55 9.46 -9.34
N THR A 53 8.56 10.07 -10.54
CA THR A 53 7.57 11.13 -10.84
C THR A 53 6.19 10.57 -11.15
N GLY A 54 6.12 9.32 -11.61
CA GLY A 54 4.85 8.75 -12.01
C GLY A 54 4.39 9.24 -13.37
N GLU A 55 5.32 9.84 -14.12
CA GLU A 55 4.96 10.48 -15.40
C GLU A 55 4.45 9.57 -16.50
N LYS A 56 4.69 8.27 -16.39
CA LYS A 56 4.17 7.31 -17.38
C LYS A 56 2.78 6.76 -17.01
N GLY A 57 2.23 7.24 -15.89
CA GLY A 57 0.94 6.74 -15.40
C GLY A 57 1.05 5.60 -14.40
N PHE A 58 2.29 5.26 -14.05
CA PHE A 58 2.54 4.23 -13.05
C PHE A 58 3.89 4.54 -12.42
N GLY A 59 4.17 3.93 -11.28
CA GLY A 59 5.47 4.11 -10.67
C GLY A 59 5.45 3.82 -9.19
N TYR A 60 6.41 4.43 -8.48
CA TYR A 60 6.72 4.02 -7.11
C TYR A 60 5.76 4.48 -6.04
N LYS A 61 5.03 5.57 -6.27
CA LYS A 61 4.15 6.10 -5.21
C LYS A 61 3.24 5.00 -4.68
N ASN A 62 3.11 4.92 -3.36
CA ASN A 62 2.32 3.87 -2.68
C ASN A 62 2.84 2.43 -2.65
N SER A 63 3.95 2.15 -3.36
CA SER A 63 4.55 0.80 -3.30
C SER A 63 5.34 0.57 -2.02
N LYS A 64 5.67 -0.69 -1.72
CA LYS A 64 6.33 -1.06 -0.46
C LYS A 64 7.79 -1.46 -0.64
N PHE A 65 8.55 -1.39 0.47
CA PHE A 65 9.81 -2.10 0.59
C PHE A 65 9.48 -3.48 1.10
N HIS A 66 9.44 -4.44 0.18
CA HIS A 66 8.90 -5.78 0.48
C HIS A 66 9.94 -6.70 1.10
N ARG A 67 11.21 -6.31 1.03
CA ARG A 67 12.24 -7.09 1.71
C ARG A 67 13.30 -6.21 2.36
N VAL A 68 13.58 -6.55 3.63
CA VAL A 68 14.58 -5.86 4.43
C VAL A 68 15.50 -6.91 5.06
N ILE A 69 16.80 -6.77 4.81
CA ILE A 69 17.79 -7.66 5.45
C ILE A 69 18.81 -6.79 6.18
N LYS A 70 18.75 -6.78 7.51
CA LYS A 70 19.69 -5.99 8.31
C LYS A 70 21.14 -6.36 7.97
N ASP A 71 22.00 -5.34 7.90
CA ASP A 71 23.43 -5.48 7.59
C ASP A 71 23.61 -5.94 6.15
N PHE A 72 22.59 -5.70 5.32
CA PHE A 72 22.71 -6.02 3.89
C PHE A 72 22.06 -4.94 3.03
N MET A 73 20.73 -4.93 2.99
CA MET A 73 20.04 -3.98 2.09
C MET A 73 18.56 -3.90 2.38
N ILE A 74 17.92 -2.90 1.79
CA ILE A 74 16.44 -2.83 1.79
C ILE A 74 16.05 -2.78 0.31
N GLN A 75 14.96 -3.46 -0.05
CA GLN A 75 14.58 -3.63 -1.45
C GLN A 75 13.13 -3.25 -1.68
N GLY A 76 12.86 -2.62 -2.82
CA GLY A 76 11.48 -2.28 -3.19
C GLY A 76 11.33 -2.06 -4.69
N GLY A 77 10.31 -1.27 -5.07
CA GLY A 77 10.00 -0.95 -6.49
C GLY A 77 9.11 -1.94 -7.25
N ASP A 78 8.57 -2.94 -6.55
CA ASP A 78 7.58 -3.82 -7.16
C ASP A 78 6.20 -3.19 -6.99
N PHE A 79 5.84 -2.34 -7.93
CA PHE A 79 4.59 -1.61 -7.78
C PHE A 79 3.39 -2.35 -8.39
N THR A 80 3.61 -3.56 -8.91
CA THR A 80 2.49 -4.33 -9.51
C THR A 80 2.06 -5.50 -8.62
N ARG A 81 3.00 -6.11 -7.90
CA ARG A 81 2.66 -7.25 -7.03
C ARG A 81 3.16 -7.15 -5.59
N GLY A 82 4.06 -6.20 -5.33
CA GLY A 82 4.62 -5.96 -3.98
C GLY A 82 5.27 -7.11 -3.26
N ASP A 83 5.88 -8.03 -4.01
CA ASP A 83 6.52 -9.20 -3.40
C ASP A 83 7.81 -9.64 -4.10
N GLY A 84 8.27 -8.86 -5.08
CA GLY A 84 9.47 -9.22 -5.80
C GLY A 84 9.28 -9.90 -7.12
N THR A 85 8.03 -10.22 -7.48
CA THR A 85 7.81 -10.90 -8.76
C THR A 85 7.33 -9.93 -9.85
N GLY A 86 7.16 -8.67 -9.49
CA GLY A 86 6.51 -7.75 -10.41
C GLY A 86 7.29 -6.49 -10.74
N GLY A 87 6.55 -5.47 -11.13
CA GLY A 87 7.11 -4.23 -11.64
C GLY A 87 7.43 -4.33 -13.12
N LYS A 88 7.72 -3.18 -13.71
CA LYS A 88 8.08 -3.07 -15.12
C LYS A 88 8.84 -1.78 -15.33
N SER A 89 9.62 -1.71 -16.39
CA SER A 89 10.35 -0.47 -16.69
C SER A 89 9.57 0.43 -17.62
N ILE A 90 10.10 1.65 -17.84
CA ILE A 90 9.48 2.59 -18.77
C ILE A 90 9.77 2.17 -20.22
N TYR A 91 10.63 1.16 -20.42
CA TYR A 91 11.02 0.69 -21.76
C TYR A 91 10.31 -0.61 -22.15
N GLY A 92 9.53 -1.17 -21.25
CA GLY A 92 8.96 -2.49 -21.48
C GLY A 92 9.08 -3.27 -20.20
N GLU A 93 8.75 -4.56 -20.23
CA GLU A 93 8.73 -5.31 -18.99
C GLU A 93 10.09 -5.24 -18.27
N ARG A 94 11.15 -5.41 -19.05
CA ARG A 94 12.50 -5.40 -18.53
C ARG A 94 13.39 -4.72 -19.55
N PHE A 95 14.64 -4.45 -19.16
CA PHE A 95 15.61 -3.81 -20.07
C PHE A 95 17.03 -4.24 -19.72
N PRO A 96 17.93 -4.16 -20.69
CA PRO A 96 19.26 -4.71 -20.45
C PRO A 96 20.14 -3.96 -19.45
N ASP A 97 21.19 -4.66 -19.01
CA ASP A 97 22.22 -4.00 -18.19
C ASP A 97 22.93 -2.95 -19.00
N GLU A 98 22.84 -1.71 -18.56
CA GLU A 98 23.45 -0.59 -19.26
C GLU A 98 24.99 -0.61 -19.25
N ASN A 99 25.55 -0.65 -18.05
CA ASN A 99 27.00 -0.86 -17.86
C ASN A 99 27.21 -1.18 -16.41
N PHE A 100 28.44 -1.58 -16.07
CA PHE A 100 28.82 -1.84 -14.68
C PHE A 100 29.95 -0.94 -14.27
N LYS A 101 29.85 0.31 -14.73
CA LYS A 101 30.88 1.31 -14.45
C LYS A 101 31.03 1.51 -12.95
N LEU A 102 29.90 1.48 -12.24
CA LEU A 102 29.92 1.82 -10.82
C LEU A 102 29.77 0.60 -9.94
N LYS A 103 30.40 0.66 -8.76
CA LYS A 103 30.35 -0.48 -7.84
C LYS A 103 29.48 -0.16 -6.65
N HIS A 104 29.22 -1.19 -5.84
CA HIS A 104 28.49 -1.00 -4.58
C HIS A 104 29.51 -0.59 -3.51
N TYR A 105 29.92 0.68 -3.55
CA TYR A 105 31.10 1.14 -2.80
C TYR A 105 30.99 1.10 -1.29
N GLY A 106 29.77 1.14 -0.80
CA GLY A 106 29.51 1.17 0.61
C GLY A 106 28.04 1.33 0.91
N PRO A 107 27.72 1.69 2.16
CA PRO A 107 26.31 1.88 2.46
C PRO A 107 25.70 3.05 1.68
N GLY A 108 24.45 2.88 1.30
CA GLY A 108 23.68 3.95 0.71
C GLY A 108 23.74 3.96 -0.80
N TRP A 109 24.35 2.94 -1.41
CA TRP A 109 24.36 2.90 -2.86
C TRP A 109 23.11 2.22 -3.37
N VAL A 110 22.62 2.70 -4.51
CA VAL A 110 21.34 2.29 -5.08
C VAL A 110 21.56 1.55 -6.38
N SER A 111 20.97 0.36 -6.47
CA SER A 111 21.32 -0.57 -7.55
C SER A 111 20.06 -1.33 -7.99
N MET A 112 20.06 -1.79 -9.24
CA MET A 112 18.91 -2.49 -9.81
C MET A 112 18.85 -3.96 -9.37
N ALA A 113 17.68 -4.40 -8.93
CA ALA A 113 17.49 -5.82 -8.68
C ALA A 113 17.38 -6.51 -10.03
N ASN A 114 17.69 -7.79 -10.11
CA ASN A 114 17.49 -8.54 -11.35
C ASN A 114 17.32 -10.04 -11.13
N ALA A 115 16.98 -10.75 -12.20
CA ALA A 115 16.86 -12.21 -12.16
C ALA A 115 17.81 -12.82 -13.19
N GLY A 116 18.99 -12.23 -13.29
CA GLY A 116 19.98 -12.68 -14.24
C GLY A 116 20.30 -11.58 -15.22
N LYS A 117 21.16 -11.90 -16.18
CA LYS A 117 21.64 -10.92 -17.14
C LYS A 117 20.46 -10.27 -17.89
N ASP A 118 20.50 -8.94 -18.00
CA ASP A 118 19.56 -8.16 -18.83
C ASP A 118 18.09 -8.32 -18.41
N THR A 119 17.85 -8.23 -17.12
CA THR A 119 16.50 -8.39 -16.57
CA THR A 119 16.53 -8.41 -16.57
C THR A 119 16.15 -7.26 -15.59
N ASN A 120 16.56 -6.04 -15.91
CA ASN A 120 16.23 -4.88 -15.04
C ASN A 120 14.80 -4.42 -15.23
N GLY A 121 14.05 -4.17 -14.17
CA GLY A 121 12.68 -3.68 -14.35
C GLY A 121 12.48 -2.39 -13.60
N SER A 122 11.72 -2.44 -12.49
CA SER A 122 11.55 -1.27 -11.63
C SER A 122 12.15 -1.51 -10.24
N GLN A 123 12.40 -2.78 -9.90
CA GLN A 123 12.88 -3.11 -8.58
C GLN A 123 14.32 -2.66 -8.38
N PHE A 124 14.57 -2.10 -7.22
CA PHE A 124 15.89 -1.57 -6.83
C PHE A 124 16.14 -1.95 -5.40
N PHE A 125 17.42 -1.83 -5.02
CA PHE A 125 17.78 -1.98 -3.63
C PHE A 125 18.76 -0.90 -3.19
N ILE A 126 18.73 -0.63 -1.89
CA ILE A 126 19.61 0.36 -1.29
C ILE A 126 20.49 -0.41 -0.33
N THR A 127 21.79 -0.39 -0.58
CA THR A 127 22.71 -1.12 0.30
C THR A 127 22.81 -0.42 1.68
N THR A 128 23.04 -1.22 2.72
CA THR A 128 23.27 -0.68 4.04
C THR A 128 24.67 -1.06 4.53
N VAL A 129 25.38 -1.82 3.68
CA VAL A 129 26.80 -2.10 3.87
C VAL A 129 27.44 -2.07 2.48
N LYS A 130 28.77 -2.19 2.43
CA LYS A 130 29.46 -2.45 1.16
C LYS A 130 29.04 -3.86 0.71
N THR A 131 28.59 -4.01 -0.53
CA THR A 131 28.18 -5.31 -1.05
C THR A 131 28.99 -5.60 -2.32
N ALA A 132 30.29 -5.78 -2.15
CA ALA A 132 31.16 -5.91 -3.33
C ALA A 132 30.92 -7.20 -4.12
N TRP A 133 30.26 -8.18 -3.51
CA TRP A 133 30.00 -9.44 -4.22
C TRP A 133 28.94 -9.30 -5.32
N LEU A 134 28.26 -8.15 -5.35
CA LEU A 134 27.24 -7.88 -6.35
C LEU A 134 27.82 -7.05 -7.49
N ASP A 135 29.07 -6.61 -7.34
CA ASP A 135 29.72 -5.79 -8.38
C ASP A 135 29.81 -6.53 -9.71
N GLY A 136 29.51 -5.81 -10.79
CA GLY A 136 29.54 -6.41 -12.11
C GLY A 136 28.34 -7.25 -12.49
N LYS A 137 27.37 -7.39 -11.56
CA LYS A 137 26.20 -8.22 -11.79
C LYS A 137 24.91 -7.40 -11.65
N HIS A 138 24.95 -6.38 -10.82
CA HIS A 138 23.83 -5.46 -10.64
C HIS A 138 24.25 -4.06 -11.02
N VAL A 139 23.39 -3.36 -11.75
CA VAL A 139 23.71 -2.02 -12.23
C VAL A 139 23.47 -0.98 -11.14
N VAL A 140 24.56 -0.34 -10.72
CA VAL A 140 24.53 0.75 -9.71
C VAL A 140 24.31 2.07 -10.41
N PHE A 141 23.35 2.85 -9.89
CA PHE A 141 22.96 4.10 -10.57
C PHE A 141 22.75 5.36 -9.66
N GLY A 142 22.91 5.17 -8.35
CA GLY A 142 22.71 6.31 -7.44
C GLY A 142 23.26 6.09 -6.04
N LYS A 143 23.14 7.14 -5.23
CA LYS A 143 23.63 7.12 -3.84
CA LYS A 143 23.59 7.09 -3.84
C LYS A 143 22.72 7.95 -2.95
N VAL A 144 22.38 7.43 -1.78
CA VAL A 144 21.67 8.26 -0.81
C VAL A 144 22.52 9.48 -0.38
N LEU A 145 21.95 10.67 -0.56
CA LEU A 145 22.61 11.94 -0.20
C LEU A 145 22.14 12.52 1.12
N GLU A 146 20.89 12.26 1.47
CA GLU A 146 20.33 12.70 2.75
C GLU A 146 19.33 11.66 3.21
N GLY A 147 19.13 11.59 4.52
CA GLY A 147 18.18 10.62 5.02
C GLY A 147 18.72 9.21 5.18
N MET A 148 20.03 9.04 5.29
CA MET A 148 20.56 7.71 5.54
C MET A 148 19.99 7.19 6.87
N GLU A 149 19.69 8.10 7.79
CA GLU A 149 19.12 7.70 9.08
C GLU A 149 17.72 7.09 8.91
N VAL A 150 16.98 7.55 7.89
CA VAL A 150 15.66 6.99 7.58
C VAL A 150 15.84 5.60 6.98
N VAL A 151 16.80 5.46 6.06
CA VAL A 151 17.17 4.14 5.58
C VAL A 151 17.48 3.14 6.72
N ARG A 152 18.19 3.61 7.73
CA ARG A 152 18.59 2.75 8.85
C ARG A 152 17.37 2.37 9.70
N LYS A 153 16.38 3.26 9.75
CA LYS A 153 15.12 2.94 10.47
C LYS A 153 14.39 1.82 9.76
N VAL A 154 14.35 1.86 8.43
CA VAL A 154 13.71 0.83 7.65
C VAL A 154 14.49 -0.50 7.80
N GLU A 155 15.82 -0.41 7.68
CA GLU A 155 16.71 -1.57 7.81
C GLU A 155 16.49 -2.38 9.11
N SER A 156 16.16 -1.64 10.15
CA SER A 156 16.01 -2.21 11.50
C SER A 156 14.58 -2.60 11.85
N THR A 157 13.64 -2.37 10.93
CA THR A 157 12.22 -2.71 11.18
C THR A 157 12.07 -4.23 11.32
N LYS A 158 11.21 -4.67 12.24
CA LYS A 158 10.98 -6.10 12.39
C LYS A 158 10.44 -6.77 11.13
N THR A 159 10.98 -7.95 10.86
CA THR A 159 10.57 -8.73 9.71
C THR A 159 10.20 -10.17 10.08
N ASP A 160 9.44 -10.82 9.20
CA ASP A 160 9.15 -12.23 9.32
C ASP A 160 10.29 -13.10 8.78
N SER A 161 10.05 -14.41 8.75
CA SER A 161 11.05 -15.40 8.40
C SER A 161 11.44 -15.33 6.92
N ARG A 162 10.64 -14.64 6.11
CA ARG A 162 11.04 -14.43 4.71
C ARG A 162 11.49 -12.98 4.44
N ASP A 163 11.93 -12.30 5.50
CA ASP A 163 12.48 -10.93 5.48
C ASP A 163 11.50 -9.85 4.99
N LYS A 164 10.21 -10.13 5.13
CA LYS A 164 9.15 -9.17 4.81
C LYS A 164 8.80 -8.37 6.07
N PRO A 165 8.87 -7.01 6.01
CA PRO A 165 8.50 -6.19 7.17
C PRO A 165 7.12 -6.54 7.75
N LEU A 166 7.03 -6.61 9.08
CA LEU A 166 5.76 -6.94 9.75
C LEU A 166 4.80 -5.74 9.72
N LYS A 167 5.36 -4.53 9.68
CA LYS A 167 4.60 -3.33 9.33
C LYS A 167 5.01 -2.90 7.93
N ASP A 168 4.03 -2.57 7.11
CA ASP A 168 4.32 -2.19 5.72
C ASP A 168 5.12 -0.90 5.66
N VAL A 169 6.17 -0.90 4.83
CA VAL A 169 7.03 0.26 4.70
C VAL A 169 6.71 0.77 3.29
N ILE A 170 6.08 1.92 3.22
CA ILE A 170 5.48 2.46 1.99
C ILE A 170 6.11 3.76 1.57
N ILE A 171 6.24 3.92 0.26
CA ILE A 171 6.64 5.19 -0.29
C ILE A 171 5.39 6.06 -0.36
N ALA A 172 5.25 6.95 0.60
CA ALA A 172 4.03 7.77 0.72
C ALA A 172 3.99 8.86 -0.34
N ASP A 173 5.15 9.34 -0.73
CA ASP A 173 5.24 10.34 -1.82
C ASP A 173 6.63 10.21 -2.40
N CYS A 174 6.80 10.65 -3.65
CA CYS A 174 8.10 10.60 -4.29
C CYS A 174 8.08 11.50 -5.51
N GLY A 175 9.27 11.83 -6.00
CA GLY A 175 9.37 12.79 -7.06
C GLY A 175 10.82 13.16 -7.32
N LYS A 176 11.01 14.05 -8.27
CA LYS A 176 12.36 14.46 -8.62
C LYS A 176 12.67 15.91 -8.19
N ILE A 177 13.96 16.18 -8.03
CA ILE A 177 14.45 17.49 -7.64
C ILE A 177 15.58 17.76 -8.63
N GLU A 178 15.44 18.85 -9.37
CA GLU A 178 16.44 19.23 -10.39
C GLU A 178 17.75 19.64 -9.70
N VAL A 179 18.85 19.40 -10.41
CA VAL A 179 20.19 19.72 -9.94
C VAL A 179 20.77 20.65 -11.01
N GLU A 180 20.96 21.91 -10.64
CA GLU A 180 21.36 22.94 -11.64
C GLU A 180 22.76 22.72 -12.16
N LYS A 181 23.65 22.35 -11.24
CA LYS A 181 25.07 22.16 -11.50
C LYS A 181 25.46 20.77 -11.00
N PRO A 182 25.49 19.77 -11.91
CA PRO A 182 25.95 18.42 -11.53
C PRO A 182 27.26 18.43 -10.76
N PHE A 183 27.33 17.56 -9.76
CA PHE A 183 28.47 17.53 -8.83
C PHE A 183 28.93 16.12 -8.50
N ALA A 184 30.27 15.96 -8.38
CA ALA A 184 30.88 14.67 -8.09
C ALA A 184 30.80 14.34 -6.61
N ILE A 185 30.57 13.06 -6.33
CA ILE A 185 30.60 12.58 -4.95
C ILE A 185 31.75 11.57 -4.75
N ALA A 186 31.97 11.15 -3.51
CA ALA A 186 33.07 10.22 -3.20
C ALA A 186 32.63 8.79 -3.50
N LYS A 187 33.58 7.95 -3.87
CA LYS A 187 33.35 6.53 -4.17
C LYS A 187 33.49 5.70 -2.91
N GLU A 188 32.53 5.86 -2.02
CA GLU A 188 32.59 5.27 -0.68
C GLU A 188 31.21 5.22 -0.08
N GLY B 1 -49.37 -3.76 -0.43
CA GLY B 1 -48.63 -3.16 0.71
C GLY B 1 -49.46 -2.68 1.88
N PRO B 2 -50.50 -3.46 2.29
CA PRO B 2 -51.25 -3.21 3.53
C PRO B 2 -50.36 -2.97 4.76
N LEU B 3 -50.62 -1.93 5.53
CA LEU B 3 -49.67 -1.46 6.58
C LEU B 3 -49.47 -2.39 7.78
N GLY B 4 -50.53 -3.06 8.20
CA GLY B 4 -50.42 -4.08 9.27
C GLY B 4 -49.44 -5.18 8.92
N SER B 5 -49.65 -5.79 7.75
CA SER B 5 -48.82 -6.91 7.32
C SER B 5 -47.48 -6.49 6.75
N ASP B 6 -47.30 -5.19 6.45
CA ASP B 6 -45.98 -4.70 6.07
C ASP B 6 -44.97 -4.97 7.20
N GLU B 7 -45.39 -5.78 8.17
CA GLU B 7 -44.52 -6.14 9.30
C GLU B 7 -43.86 -7.51 9.14
N LYS B 10 -40.44 -6.27 7.93
CA LYS B 10 -39.90 -5.17 8.72
C LYS B 10 -38.69 -5.64 9.53
N GLY B 11 -37.55 -5.05 9.25
CA GLY B 11 -36.26 -5.57 9.73
C GLY B 11 -35.72 -5.03 11.03
N PRO B 12 -34.40 -5.20 11.23
CA PRO B 12 -33.72 -4.83 12.45
C PRO B 12 -33.61 -3.34 12.59
N LYS B 13 -33.34 -2.90 13.81
CA LYS B 13 -33.30 -1.47 14.12
C LYS B 13 -31.90 -0.92 14.00
N VAL B 14 -31.75 0.15 13.23
CA VAL B 14 -30.51 0.93 13.23
C VAL B 14 -30.32 1.65 14.55
N THR B 15 -29.20 1.38 15.24
CA THR B 15 -28.91 1.96 16.56
C THR B 15 -27.74 2.94 16.58
N VAL B 16 -26.97 2.95 15.49
CA VAL B 16 -25.86 3.85 15.32
C VAL B 16 -25.51 3.76 13.85
N LYS B 17 -24.83 4.80 13.37
CA LYS B 17 -24.36 4.90 11.99
C LYS B 17 -22.87 5.15 11.92
N VAL B 18 -22.29 4.77 10.78
CA VAL B 18 -20.90 5.03 10.50
C VAL B 18 -20.84 5.58 9.07
N TYR B 19 -19.91 6.52 8.85
CA TYR B 19 -19.63 7.04 7.51
C TYR B 19 -18.24 6.67 7.05
N PHE B 20 -18.11 6.46 5.75
CA PHE B 20 -16.78 6.37 5.10
C PHE B 20 -16.81 7.43 4.02
N ASP B 21 -15.79 8.28 3.98
CA ASP B 21 -15.54 9.12 2.81
C ASP B 21 -14.49 8.41 1.97
N LEU B 22 -14.81 8.13 0.71
CA LEU B 22 -14.00 7.25 -0.13
C LEU B 22 -13.27 8.01 -1.23
N ARG B 23 -12.10 7.50 -1.58
CA ARG B 23 -11.32 8.04 -2.70
C ARG B 23 -10.93 6.89 -3.61
N ILE B 24 -10.91 7.13 -4.91
CA ILE B 24 -10.39 6.12 -5.83
C ILE B 24 -9.24 6.80 -6.53
N GLY B 25 -8.03 6.33 -6.26
CA GLY B 25 -6.83 7.01 -6.70
C GLY B 25 -6.86 8.42 -6.14
N ASP B 26 -6.92 9.40 -7.04
CA ASP B 26 -6.89 10.81 -6.67
C ASP B 26 -8.27 11.49 -6.59
N GLU B 27 -9.32 10.74 -6.89
CA GLU B 27 -10.66 11.32 -6.97
C GLU B 27 -11.46 11.03 -5.70
N ASP B 28 -11.96 12.08 -5.04
CA ASP B 28 -12.96 11.92 -3.98
C ASP B 28 -14.20 11.41 -4.67
N VAL B 29 -14.77 10.31 -4.18
CA VAL B 29 -15.93 9.74 -4.86
C VAL B 29 -17.22 9.82 -4.04
N GLY B 30 -17.12 10.22 -2.78
CA GLY B 30 -18.31 10.46 -1.97
C GLY B 30 -18.33 9.67 -0.68
N ARG B 31 -19.46 9.81 0.02
CA ARG B 31 -19.70 9.26 1.37
C ARG B 31 -20.66 8.08 1.32
N VAL B 32 -20.30 7.02 2.05
CA VAL B 32 -21.21 5.92 2.31
C VAL B 32 -21.58 5.99 3.80
N ILE B 33 -22.87 5.85 4.10
CA ILE B 33 -23.38 5.83 5.47
CA ILE B 33 -23.34 5.80 5.48
C ILE B 33 -24.01 4.46 5.72
N PHE B 34 -23.58 3.80 6.79
CA PHE B 34 -24.09 2.49 7.17
C PHE B 34 -24.91 2.69 8.40
N GLY B 35 -26.00 1.98 8.49
CA GLY B 35 -26.76 1.84 9.74
C GLY B 35 -26.45 0.46 10.29
N LEU B 36 -26.13 0.42 11.58
CA LEU B 36 -25.69 -0.80 12.24
C LEU B 36 -26.68 -1.29 13.26
N PHE B 37 -26.76 -2.61 13.38
CA PHE B 37 -27.85 -3.26 14.17
C PHE B 37 -27.40 -3.67 15.57
N GLY B 38 -27.26 -2.68 16.45
CA GLY B 38 -26.60 -2.86 17.75
C GLY B 38 -27.46 -3.58 18.76
N LYS B 39 -28.76 -3.59 18.53
CA LYS B 39 -29.65 -4.45 19.34
C LYS B 39 -29.55 -5.96 18.97
N THR B 40 -29.18 -6.26 17.74
CA THR B 40 -29.15 -7.64 17.20
C THR B 40 -27.77 -8.29 17.36
N VAL B 41 -26.74 -7.55 16.97
CA VAL B 41 -25.35 -7.99 17.09
C VAL B 41 -24.46 -6.91 17.74
N PRO B 42 -24.68 -6.64 19.05
CA PRO B 42 -23.94 -5.57 19.69
C PRO B 42 -22.41 -5.71 19.65
N LYS B 43 -21.90 -6.93 19.81
CA LYS B 43 -20.46 -7.10 19.95
C LYS B 43 -19.82 -6.82 18.60
N THR B 44 -20.50 -7.29 17.56
CA THR B 44 -19.98 -7.13 16.18
C THR B 44 -20.07 -5.65 15.77
N VAL B 45 -21.20 -5.04 16.06
CA VAL B 45 -21.38 -3.60 15.80
C VAL B 45 -20.34 -2.74 16.54
N ASP B 46 -20.17 -3.00 17.83
CA ASP B 46 -19.18 -2.23 18.61
C ASP B 46 -17.74 -2.33 18.07
N ASN B 47 -17.38 -3.52 17.56
CA ASN B 47 -16.09 -3.70 16.89
C ASN B 47 -15.99 -2.81 15.65
N PHE B 48 -16.98 -2.91 14.74
CA PHE B 48 -16.96 -2.08 13.51
C PHE B 48 -16.93 -0.56 13.84
N VAL B 49 -17.76 -0.14 14.77
CA VAL B 49 -17.85 1.29 15.09
C VAL B 49 -16.56 1.80 15.72
N ALA B 50 -15.99 1.01 16.61
CA ALA B 50 -14.70 1.40 17.27
C ALA B 50 -13.60 1.50 16.22
N LEU B 51 -13.60 0.60 15.26
CA LEU B 51 -12.58 0.66 14.20
C LEU B 51 -12.79 1.82 13.26
N ALA B 52 -14.04 2.20 13.05
CA ALA B 52 -14.38 3.40 12.28
C ALA B 52 -13.98 4.68 13.00
N THR B 53 -14.21 4.78 14.31
CA THR B 53 -13.73 5.95 15.06
C THR B 53 -12.22 6.01 15.29
N GLY B 54 -11.57 4.85 15.27
CA GLY B 54 -10.12 4.74 15.55
C GLY B 54 -9.82 4.88 17.02
N GLU B 55 -10.85 4.74 17.85
CA GLU B 55 -10.69 4.98 19.29
C GLU B 55 -9.74 4.07 20.04
N LYS B 56 -9.41 2.90 19.49
CA LYS B 56 -8.40 2.03 20.11
C LYS B 56 -6.95 2.31 19.69
N GLY B 57 -6.75 3.35 18.87
CA GLY B 57 -5.42 3.67 18.33
C GLY B 57 -5.10 3.05 16.99
N PHE B 58 -6.06 2.33 16.44
CA PHE B 58 -5.97 1.71 15.13
C PHE B 58 -7.38 1.60 14.56
N GLY B 59 -7.45 1.37 13.25
CA GLY B 59 -8.75 1.18 12.60
C GLY B 59 -8.73 1.46 11.13
N TYR B 60 -9.91 1.77 10.59
CA TYR B 60 -10.15 1.79 9.16
C TYR B 60 -9.58 2.96 8.39
N LYS B 61 -9.39 4.11 9.04
CA LYS B 61 -8.98 5.31 8.32
C LYS B 61 -7.70 5.02 7.55
N ASN B 62 -7.70 5.44 6.31
CA ASN B 62 -6.55 5.22 5.41
C ASN B 62 -6.36 3.79 4.87
N SER B 63 -7.21 2.86 5.28
CA SER B 63 -7.19 1.48 4.76
CA SER B 63 -7.19 1.49 4.74
C SER B 63 -7.86 1.39 3.38
N LYS B 64 -7.65 0.27 2.68
CA LYS B 64 -8.15 0.12 1.31
C LYS B 64 -9.25 -0.93 1.19
N PHE B 65 -10.07 -0.79 0.14
CA PHE B 65 -10.91 -1.89 -0.37
C PHE B 65 -10.02 -2.66 -1.31
N HIS B 66 -9.45 -3.75 -0.79
CA HIS B 66 -8.40 -4.47 -1.51
C HIS B 66 -8.94 -5.54 -2.44
N ARG B 67 -10.24 -5.83 -2.38
CA ARG B 67 -10.84 -6.79 -3.31
C ARG B 67 -12.21 -6.31 -3.72
N VAL B 68 -12.46 -6.33 -5.03
CA VAL B 68 -13.72 -5.92 -5.61
C VAL B 68 -14.14 -6.96 -6.64
N ILE B 69 -15.34 -7.50 -6.49
CA ILE B 69 -15.89 -8.41 -7.50
C ILE B 69 -17.25 -7.90 -7.95
N LYS B 70 -17.28 -7.40 -9.18
CA LYS B 70 -18.52 -6.89 -9.77
C LYS B 70 -19.60 -7.95 -9.70
N ASP B 71 -20.81 -7.49 -9.35
CA ASP B 71 -22.03 -8.31 -9.21
C ASP B 71 -21.88 -9.29 -8.05
N PHE B 72 -21.02 -8.95 -7.09
CA PHE B 72 -20.89 -9.76 -5.88
C PHE B 72 -20.72 -8.86 -4.66
N MET B 73 -19.51 -8.31 -4.48
CA MET B 73 -19.24 -7.53 -3.28
C MET B 73 -17.96 -6.71 -3.41
N ILE B 74 -17.79 -5.80 -2.46
CA ILE B 74 -16.51 -5.08 -2.27
C ILE B 74 -16.06 -5.37 -0.84
N GLN B 75 -14.76 -5.51 -0.63
CA GLN B 75 -14.23 -6.00 0.64
C GLN B 75 -13.07 -5.14 1.12
N GLY B 76 -13.08 -4.87 2.41
CA GLY B 76 -12.05 -4.04 3.02
C GLY B 76 -11.81 -4.38 4.47
N GLY B 77 -11.24 -3.40 5.20
CA GLY B 77 -10.96 -3.52 6.62
C GLY B 77 -9.66 -4.19 7.01
N ASP B 78 -8.79 -4.47 6.04
CA ASP B 78 -7.49 -5.05 6.40
C ASP B 78 -6.51 -3.90 6.55
N PHE B 79 -6.45 -3.35 7.75
CA PHE B 79 -5.66 -2.14 8.00
C PHE B 79 -4.21 -2.43 8.35
N THR B 80 -3.81 -3.70 8.35
CA THR B 80 -2.40 -4.04 8.68
C THR B 80 -1.61 -4.52 7.45
N ARG B 81 -2.31 -5.05 6.46
CA ARG B 81 -1.66 -5.59 5.25
C ARG B 81 -2.26 -5.13 3.93
N GLY B 82 -3.50 -4.66 3.99
CA GLY B 82 -4.18 -4.15 2.81
C GLY B 82 -4.34 -5.16 1.69
N ASP B 83 -4.38 -6.43 2.03
CA ASP B 83 -4.52 -7.46 0.99
C ASP B 83 -5.35 -8.69 1.40
N GLY B 84 -5.99 -8.63 2.56
CA GLY B 84 -6.84 -9.74 2.98
C GLY B 84 -6.26 -10.68 4.00
N THR B 85 -4.98 -10.49 4.33
CA THR B 85 -4.29 -11.35 5.28
C THR B 85 -4.20 -10.78 6.68
N GLY B 86 -4.62 -9.53 6.84
CA GLY B 86 -4.39 -8.84 8.11
C GLY B 86 -5.64 -8.40 8.86
N GLY B 87 -5.44 -7.36 9.66
CA GLY B 87 -6.47 -6.83 10.54
C GLY B 87 -6.57 -7.53 11.87
N LYS B 88 -7.28 -6.90 12.80
CA LYS B 88 -7.53 -7.45 14.12
CA LYS B 88 -7.53 -7.47 14.12
C LYS B 88 -8.79 -6.84 14.69
N SER B 89 -9.45 -7.51 15.63
CA SER B 89 -10.62 -6.89 16.24
C SER B 89 -10.21 -6.08 17.48
N ILE B 90 -11.19 -5.43 18.10
CA ILE B 90 -10.98 -4.70 19.35
C ILE B 90 -10.94 -5.63 20.57
N TYR B 91 -11.26 -6.91 20.36
CA TYR B 91 -11.31 -7.92 21.42
C TYR B 91 -10.09 -8.82 21.42
N GLY B 92 -9.20 -8.64 20.46
CA GLY B 92 -8.08 -9.55 20.25
C GLY B 92 -7.98 -9.81 18.76
N GLU B 93 -7.09 -10.72 18.36
CA GLU B 93 -6.87 -10.99 16.95
C GLU B 93 -8.18 -11.28 16.20
N ARG B 94 -8.98 -12.20 16.76
CA ARG B 94 -10.26 -12.59 16.17
C ARG B 94 -11.29 -12.77 17.27
N PHE B 95 -12.57 -12.83 16.88
CA PHE B 95 -13.61 -13.06 17.88
C PHE B 95 -14.72 -13.95 17.30
N PRO B 96 -15.50 -14.59 18.18
CA PRO B 96 -16.49 -15.57 17.70
C PRO B 96 -17.66 -15.01 16.91
N ASP B 97 -18.30 -15.87 16.13
CA ASP B 97 -19.57 -15.52 15.48
C ASP B 97 -20.63 -15.22 16.52
N GLU B 98 -21.11 -13.98 16.55
CA GLU B 98 -22.08 -13.58 17.55
C GLU B 98 -23.44 -14.29 17.37
N ASN B 99 -24.02 -14.15 16.20
CA ASN B 99 -25.22 -14.92 15.80
C ASN B 99 -25.39 -14.77 14.31
N PHE B 100 -26.33 -15.53 13.76
CA PHE B 100 -26.66 -15.41 12.34
C PHE B 100 -28.12 -15.01 12.17
N LYS B 101 -28.60 -14.16 13.09
CA LYS B 101 -30.00 -13.71 13.03
C LYS B 101 -30.32 -13.02 11.72
N LEU B 102 -29.36 -12.25 11.20
CA LEU B 102 -29.58 -11.47 9.97
C LEU B 102 -28.98 -12.16 8.74
N LYS B 103 -29.67 -12.03 7.62
CA LYS B 103 -29.27 -12.68 6.37
C LYS B 103 -28.68 -11.63 5.41
N HIS B 104 -28.07 -12.09 4.33
CA HIS B 104 -27.59 -11.17 3.30
C HIS B 104 -28.77 -10.89 2.36
N TYR B 105 -29.66 -9.99 2.75
CA TYR B 105 -30.98 -9.86 2.11
C TYR B 105 -30.98 -9.30 0.69
N GLY B 106 -29.95 -8.56 0.35
CA GLY B 106 -29.85 -7.99 -0.97
C GLY B 106 -28.62 -7.11 -1.07
N PRO B 107 -28.63 -6.20 -2.05
CA PRO B 107 -27.47 -5.33 -2.18
C PRO B 107 -27.39 -4.39 -0.99
N GLY B 108 -26.17 -4.08 -0.56
CA GLY B 108 -25.89 -3.05 0.43
C GLY B 108 -25.81 -3.58 1.85
N TRP B 109 -25.79 -4.89 2.03
CA TRP B 109 -25.73 -5.45 3.38
C TRP B 109 -24.28 -5.64 3.73
N VAL B 110 -23.97 -5.39 5.00
CA VAL B 110 -22.56 -5.39 5.47
C VAL B 110 -22.36 -6.58 6.39
N SER B 111 -21.27 -7.31 6.15
CA SER B 111 -21.06 -8.61 6.79
C SER B 111 -19.57 -8.82 7.04
N MET B 112 -19.26 -9.64 8.05
CA MET B 112 -17.90 -9.90 8.45
C MET B 112 -17.26 -10.95 7.56
N ALA B 113 -16.06 -10.64 7.06
CA ALA B 113 -15.28 -11.66 6.39
C ALA B 113 -14.76 -12.63 7.45
N ASN B 114 -14.47 -13.87 7.04
CA ASN B 114 -13.88 -14.83 7.95
C ASN B 114 -13.09 -15.92 7.22
N ALA B 115 -12.39 -16.74 7.99
CA ALA B 115 -11.64 -17.86 7.46
C ALA B 115 -12.12 -19.13 8.17
N GLY B 116 -13.44 -19.22 8.38
CA GLY B 116 -14.05 -20.36 9.05
C GLY B 116 -14.78 -19.91 10.29
N LYS B 117 -15.34 -20.87 11.00
CA LYS B 117 -16.12 -20.56 12.19
C LYS B 117 -15.29 -19.79 13.24
N ASP B 118 -15.90 -18.76 13.83
CA ASP B 118 -15.34 -18.00 14.95
C ASP B 118 -14.00 -17.35 14.63
N THR B 119 -13.88 -16.76 13.45
CA THR B 119 -12.66 -16.09 13.02
CA THR B 119 -12.64 -16.05 13.11
C THR B 119 -12.91 -14.66 12.54
N ASN B 120 -13.80 -13.93 13.19
CA ASN B 120 -14.06 -12.53 12.78
C ASN B 120 -12.95 -11.61 13.26
N GLY B 121 -12.49 -10.69 12.40
CA GLY B 121 -11.47 -9.71 12.81
C GLY B 121 -11.91 -8.28 12.59
N SER B 122 -11.29 -7.62 11.61
CA SER B 122 -11.68 -6.28 11.22
C SER B 122 -12.25 -6.27 9.79
N GLN B 123 -11.97 -7.33 8.99
CA GLN B 123 -12.38 -7.32 7.59
C GLN B 123 -13.87 -7.53 7.45
N PHE B 124 -14.44 -6.79 6.52
CA PHE B 124 -15.89 -6.81 6.23
C PHE B 124 -16.08 -6.72 4.74
N PHE B 125 -17.30 -7.04 4.31
CA PHE B 125 -17.66 -6.86 2.92
C PHE B 125 -19.03 -6.24 2.81
N ILE B 126 -19.22 -5.52 1.71
CA ILE B 126 -20.50 -4.87 1.42
C ILE B 126 -21.06 -5.57 0.18
N THR B 127 -22.23 -6.18 0.31
CA THR B 127 -22.79 -6.94 -0.83
C THR B 127 -23.28 -5.97 -1.92
N THR B 128 -23.19 -6.38 -3.18
CA THR B 128 -23.71 -5.55 -4.25
C THR B 128 -24.83 -6.31 -4.97
N VAL B 129 -25.12 -7.52 -4.48
CA VAL B 129 -26.28 -8.32 -4.86
C VAL B 129 -26.77 -9.05 -3.61
N LYS B 130 -27.93 -9.71 -3.72
CA LYS B 130 -28.32 -10.69 -2.68
C LYS B 130 -27.32 -11.85 -2.72
N THR B 131 -26.73 -12.19 -1.57
CA THR B 131 -25.75 -13.27 -1.49
C THR B 131 -26.18 -14.32 -0.46
N ALA B 132 -27.30 -14.97 -0.77
CA ALA B 132 -27.93 -15.90 0.17
C ALA B 132 -27.04 -17.12 0.50
N TRP B 133 -26.09 -17.47 -0.37
CA TRP B 133 -25.23 -18.64 -0.10
C TRP B 133 -24.27 -18.43 1.08
N LEU B 134 -24.13 -17.17 1.53
CA LEU B 134 -23.29 -16.84 2.68
C LEU B 134 -24.10 -16.82 3.98
N ASP B 135 -25.43 -16.90 3.89
CA ASP B 135 -26.27 -16.88 5.11
C ASP B 135 -25.87 -18.02 6.06
N GLY B 136 -25.77 -17.68 7.35
CA GLY B 136 -25.50 -18.63 8.41
C GLY B 136 -24.02 -18.92 8.55
N LYS B 137 -23.19 -18.35 7.68
CA LYS B 137 -21.74 -18.55 7.69
C LYS B 137 -20.96 -17.24 7.98
N HIS B 138 -21.52 -16.11 7.53
CA HIS B 138 -20.96 -14.77 7.76
C HIS B 138 -21.92 -13.95 8.58
N VAL B 139 -21.41 -13.23 9.59
CA VAL B 139 -22.28 -12.45 10.48
C VAL B 139 -22.61 -11.09 9.85
N VAL B 140 -23.91 -10.89 9.59
CA VAL B 140 -24.44 -9.64 9.03
C VAL B 140 -24.78 -8.69 10.14
N PHE B 141 -24.35 -7.45 10.00
CA PHE B 141 -24.46 -6.48 11.09
C PHE B 141 -24.82 -5.06 10.68
N GLY B 142 -24.97 -4.80 9.38
CA GLY B 142 -25.36 -3.46 8.96
C GLY B 142 -25.89 -3.39 7.51
N LYS B 143 -26.32 -2.20 7.13
CA LYS B 143 -26.88 -1.94 5.80
CA LYS B 143 -26.80 -1.96 5.77
C LYS B 143 -26.48 -0.56 5.36
N VAL B 144 -26.08 -0.41 4.10
CA VAL B 144 -25.88 0.94 3.55
C VAL B 144 -27.19 1.71 3.48
N LEU B 145 -27.21 2.89 4.11
CA LEU B 145 -28.39 3.74 4.16
C LEU B 145 -28.34 4.87 3.16
N GLU B 146 -27.13 5.33 2.89
CA GLU B 146 -26.87 6.40 1.91
C GLU B 146 -25.59 6.10 1.20
N GLY B 147 -25.51 6.56 -0.05
CA GLY B 147 -24.27 6.39 -0.78
C GLY B 147 -24.13 5.04 -1.48
N MET B 148 -25.24 4.35 -1.77
CA MET B 148 -25.15 3.10 -2.53
C MET B 148 -24.55 3.40 -3.91
N GLU B 149 -24.81 4.60 -4.42
CA GLU B 149 -24.18 5.03 -5.69
C GLU B 149 -22.65 5.01 -5.60
N VAL B 150 -22.11 5.35 -4.42
CA VAL B 150 -20.67 5.34 -4.18
C VAL B 150 -20.12 3.91 -4.15
N VAL B 151 -20.80 3.03 -3.40
CA VAL B 151 -20.51 1.61 -3.47
C VAL B 151 -20.47 1.08 -4.92
N ARG B 152 -21.44 1.48 -5.74
CA ARG B 152 -21.47 1.10 -7.16
C ARG B 152 -20.26 1.59 -7.96
N LYS B 153 -19.75 2.78 -7.63
CA LYS B 153 -18.53 3.29 -8.30
C LYS B 153 -17.32 2.42 -7.98
N VAL B 154 -17.26 1.97 -6.73
CA VAL B 154 -16.16 1.13 -6.31
C VAL B 154 -16.31 -0.23 -6.97
N GLU B 155 -17.55 -0.76 -6.96
CA GLU B 155 -17.84 -2.08 -7.55
C GLU B 155 -17.33 -2.18 -9.01
N SER B 156 -17.41 -1.05 -9.70
CA SER B 156 -17.09 -0.97 -11.14
CA SER B 156 -17.09 -0.94 -11.13
C SER B 156 -15.65 -0.53 -11.43
N THR B 157 -14.85 -0.30 -10.38
CA THR B 157 -13.47 0.12 -10.61
C THR B 157 -12.63 -1.00 -11.27
N LYS B 158 -11.76 -0.62 -12.20
CA LYS B 158 -10.93 -1.60 -12.89
C LYS B 158 -10.01 -2.36 -11.93
N THR B 159 -9.93 -3.67 -12.10
CA THR B 159 -9.16 -4.54 -11.19
C THR B 159 -8.09 -5.39 -11.89
N ASP B 160 -7.09 -5.83 -11.14
CA ASP B 160 -6.09 -6.76 -11.67
C ASP B 160 -6.58 -8.21 -11.62
N SER B 161 -5.68 -9.14 -11.94
CA SER B 161 -6.00 -10.57 -12.03
C SER B 161 -6.53 -11.18 -10.73
N ARG B 162 -6.13 -10.62 -9.60
CA ARG B 162 -6.56 -11.12 -8.29
C ARG B 162 -7.66 -10.22 -7.70
N ASP B 163 -8.39 -9.53 -8.57
CA ASP B 163 -9.51 -8.67 -8.19
C ASP B 163 -9.14 -7.47 -7.30
N LYS B 164 -7.87 -7.07 -7.34
CA LYS B 164 -7.39 -5.88 -6.62
C LYS B 164 -7.56 -4.61 -7.48
N PRO B 165 -8.21 -3.55 -6.94
CA PRO B 165 -8.35 -2.30 -7.71
C PRO B 165 -7.02 -1.79 -8.24
N LEU B 166 -7.00 -1.35 -9.49
CA LEU B 166 -5.77 -0.83 -10.10
C LEU B 166 -5.38 0.51 -9.47
N LYS B 167 -6.40 1.30 -9.10
CA LYS B 167 -6.21 2.48 -8.28
C LYS B 167 -6.69 2.14 -6.89
N ASP B 168 -5.93 2.53 -5.89
CA ASP B 168 -6.29 2.26 -4.50
C ASP B 168 -7.61 2.93 -4.16
N VAL B 169 -8.53 2.14 -3.59
CA VAL B 169 -9.80 2.68 -3.11
C VAL B 169 -9.60 2.83 -1.61
N ILE B 170 -9.56 4.07 -1.13
CA ILE B 170 -9.13 4.38 0.24
C ILE B 170 -10.26 4.98 1.07
N ILE B 171 -10.30 4.57 2.33
CA ILE B 171 -11.16 5.21 3.30
C ILE B 171 -10.41 6.47 3.79
N ALA B 172 -10.74 7.60 3.16
CA ALA B 172 -10.07 8.88 3.43
C ALA B 172 -10.41 9.41 4.82
N ASP B 173 -11.63 9.15 5.26
CA ASP B 173 -12.05 9.53 6.59
C ASP B 173 -13.19 8.60 6.96
N CYS B 174 -13.41 8.47 8.26
CA CYS B 174 -14.50 7.64 8.72
C CYS B 174 -14.77 7.98 10.17
N GLY B 175 -15.93 7.56 10.66
CA GLY B 175 -16.34 7.86 12.02
C GLY B 175 -17.76 7.45 12.27
N LYS B 176 -18.24 7.76 13.47
CA LYS B 176 -19.61 7.42 13.83
C LYS B 176 -20.53 8.63 13.85
N ILE B 177 -21.82 8.36 13.62
CA ILE B 177 -22.92 9.32 13.73
C ILE B 177 -23.95 8.70 14.68
N GLU B 178 -24.25 9.42 15.74
CA GLU B 178 -25.20 8.93 16.72
C GLU B 178 -26.62 8.94 16.18
N VAL B 179 -27.43 8.02 16.70
CA VAL B 179 -28.82 7.88 16.29
C VAL B 179 -29.65 8.03 17.57
N GLU B 180 -30.39 9.14 17.68
CA GLU B 180 -31.16 9.45 18.90
C GLU B 180 -32.21 8.40 19.18
N LYS B 181 -32.91 8.00 18.12
CA LYS B 181 -34.02 7.06 18.20
C LYS B 181 -33.84 5.92 17.19
N PRO B 182 -33.45 4.71 17.66
CA PRO B 182 -33.31 3.55 16.75
C PRO B 182 -34.55 3.34 15.89
N PHE B 183 -34.32 2.98 14.62
CA PHE B 183 -35.40 2.85 13.65
C PHE B 183 -35.22 1.60 12.80
N ALA B 184 -36.33 0.93 12.50
CA ALA B 184 -36.30 -0.31 11.74
C ALA B 184 -36.22 -0.02 10.26
N ILE B 185 -35.48 -0.87 9.54
CA ILE B 185 -35.38 -0.77 8.09
C ILE B 185 -35.99 -2.04 7.44
N ALA B 186 -36.06 -2.08 6.12
CA ALA B 186 -36.67 -3.23 5.44
C ALA B 186 -35.61 -4.32 5.26
N LYS B 187 -36.05 -5.58 5.33
CA LYS B 187 -35.22 -6.76 5.08
C LYS B 187 -35.12 -7.02 3.59
N GLU B 188 -34.53 -6.09 2.88
CA GLU B 188 -34.43 -6.17 1.43
C GLU B 188 -33.12 -5.56 0.99
N ASP C 20 35.04 4.26 -23.54
CA ASP C 20 33.69 4.21 -22.90
C ASP C 20 33.62 5.15 -21.70
N TRP C 21 34.69 5.14 -20.90
CA TRP C 21 34.75 5.90 -19.65
C TRP C 21 34.86 7.41 -19.90
N ASN C 22 34.17 8.18 -19.07
CA ASN C 22 34.34 9.64 -19.04
C ASN C 22 34.68 10.14 -17.63
N GLU C 23 35.94 10.51 -17.44
CA GLU C 23 36.47 10.91 -16.12
C GLU C 23 35.64 11.96 -15.38
N ASP C 24 35.23 13.02 -16.07
CA ASP C 24 34.50 14.13 -15.45
C ASP C 24 33.15 13.68 -14.89
N MET C 25 32.46 12.80 -15.61
CA MET C 25 31.09 12.41 -15.28
C MET C 25 30.94 11.07 -14.54
N ASP C 26 31.90 10.17 -14.75
CA ASP C 26 31.89 8.82 -14.17
C ASP C 26 32.80 8.71 -12.97
N GLY C 27 33.74 9.63 -12.86
CA GLY C 27 34.75 9.58 -11.80
C GLY C 27 35.99 8.81 -12.21
N GLU C 28 36.82 8.50 -11.22
CA GLU C 28 38.15 7.94 -11.51
C GLU C 28 38.12 6.42 -11.69
#